data_6BZG
#
_entry.id   6BZG
#
_cell.length_a   50.249
_cell.length_b   96.212
_cell.length_c   101.445
_cell.angle_alpha   90.00
_cell.angle_beta   90.00
_cell.angle_gamma   90.00
#
_symmetry.space_group_name_H-M   'P 21 21 21'
#
loop_
_entity.id
_entity.type
_entity.pdbx_description
1 polymer 'Protein ZIP2'
2 polymer 'Sporulation-specific protein 16'
3 non-polymer 'SULFATE ION'
4 non-polymer 'HEXAETHYLENE GLYCOL'
5 water water
#
loop_
_entity_poly.entity_id
_entity_poly.type
_entity_poly.pdbx_seq_one_letter_code
_entity_poly.pdbx_strand_id
1 'polypeptide(L)'
;ENKCIAVNENKVIENQKVIQSLCKNSHLDLIEQSYFGECDFIINHSTCVYKIQASRFMQLRNNGSLHYDKAVNDLLTEFQ
RVIIIVEFSEIIQDVDPDLFWKIKLYLLNSRVDVFFIHETTDFFIDWMKYFIARWAFSYNDEAAANIANADILLDLGFNI
LLVRKIFQTYSLEEFFMAIIKEESKAVKMLTVSQMTRLKKLLTLEW
;
B
2 'polypeptide(L)'
;SEFFWDVQKIQEISNVEEHSVVKCVTVNTSRLISQLNEELQDEESGVNFIVTQLQLLINNVYEKIQKSPGVPAHRSLMIN
LNFTRLKFSIAYWDILLERSLDLINGPSKTGARYFITEVTPVDRSRYVENNQYFLAFKANQRLTRNSVDMDEFIDFEILI
KQIIFDLFKKNGIPDQDFEAILSRFHNLESLVVAFNE
;
A
#
# COMPACT_ATOMS: atom_id res chain seq x y z
N GLU A 1 -0.79 24.76 -7.28
CA GLU A 1 -0.55 23.53 -6.55
C GLU A 1 -1.86 22.80 -6.27
N ASN A 2 -2.27 21.94 -7.20
CA ASN A 2 -3.49 21.16 -7.08
C ASN A 2 -3.13 19.68 -7.17
N LYS A 3 -3.38 18.95 -6.08
CA LYS A 3 -3.08 17.53 -6.05
C LYS A 3 -4.15 16.73 -6.77
N CYS A 4 -3.78 15.52 -7.18
CA CYS A 4 -4.64 14.69 -8.01
C CYS A 4 -4.57 13.23 -7.56
N ILE A 5 -5.73 12.59 -7.49
CA ILE A 5 -5.84 11.17 -7.19
C ILE A 5 -6.87 10.56 -8.12
N ALA A 6 -6.92 9.22 -8.13
CA ALA A 6 -7.78 8.48 -9.04
C ALA A 6 -8.79 7.64 -8.26
N VAL A 7 -9.93 7.37 -8.90
CA VAL A 7 -10.95 6.48 -8.36
C VAL A 7 -11.19 5.36 -9.35
N ASN A 8 -11.33 4.13 -8.85
CA ASN A 8 -11.64 3.00 -9.71
C ASN A 8 -13.09 3.05 -10.15
N GLU A 9 -13.33 2.76 -11.43
CA GLU A 9 -14.69 2.84 -11.96
C GLU A 9 -15.62 1.84 -11.29
N ASN A 10 -15.14 0.62 -11.03
CA ASN A 10 -15.97 -0.39 -10.39
C ASN A 10 -16.36 0.00 -8.97
N LYS A 11 -15.63 0.93 -8.35
CA LYS A 11 -15.86 1.32 -6.96
C LYS A 11 -16.44 2.71 -6.82
N VAL A 12 -16.75 3.40 -7.92
CA VAL A 12 -17.30 4.75 -7.83
C VAL A 12 -18.68 4.71 -7.18
N ILE A 13 -19.51 3.73 -7.54
CA ILE A 13 -20.90 3.70 -7.08
C ILE A 13 -20.96 3.62 -5.56
N GLU A 14 -20.04 2.89 -4.94
CA GLU A 14 -20.06 2.79 -3.48
C GLU A 14 -19.47 4.03 -2.82
N ASN A 15 -18.37 4.55 -3.36
CA ASN A 15 -17.66 5.66 -2.74
C ASN A 15 -18.20 7.01 -3.19
N GLN A 16 -19.45 7.06 -3.64
CA GLN A 16 -20.02 8.32 -4.10
C GLN A 16 -20.10 9.34 -2.96
N LYS A 17 -20.48 8.90 -1.76
CA LYS A 17 -20.53 9.80 -0.62
C LYS A 17 -19.14 10.32 -0.27
N VAL A 18 -18.14 9.44 -0.35
CA VAL A 18 -16.76 9.86 -0.10
C VAL A 18 -16.31 10.87 -1.14
N ILE A 19 -16.64 10.63 -2.41
CA ILE A 19 -16.21 11.52 -3.49
C ILE A 19 -16.79 12.91 -3.31
N GLN A 20 -18.07 13.00 -2.95
CA GLN A 20 -18.70 14.30 -2.76
C GLN A 20 -17.99 15.13 -1.70
N SER A 21 -17.61 14.50 -0.59
CA SER A 21 -16.94 15.25 0.48
C SER A 21 -15.53 15.64 0.09
N LEU A 22 -14.80 14.73 -0.57
CA LEU A 22 -13.42 15.00 -0.93
C LEU A 22 -13.32 16.13 -1.97
N CYS A 23 -14.28 16.19 -2.89
CA CYS A 23 -14.21 17.16 -3.98
C CYS A 23 -14.62 18.57 -3.57
N LYS A 24 -15.17 18.74 -2.36
CA LYS A 24 -15.43 20.08 -1.86
C LYS A 24 -14.14 20.85 -1.64
N ASN A 25 -13.01 20.16 -1.47
CA ASN A 25 -11.71 20.81 -1.51
C ASN A 25 -11.41 21.26 -2.93
N SER A 26 -11.27 22.58 -3.11
CA SER A 26 -11.11 23.12 -4.47
C SER A 26 -9.80 22.68 -5.10
N HIS A 27 -8.76 22.45 -4.29
CA HIS A 27 -7.46 22.08 -4.83
C HIS A 27 -7.41 20.65 -5.33
N LEU A 28 -8.25 19.77 -4.80
CA LEU A 28 -8.21 18.36 -5.19
C LEU A 28 -8.77 18.19 -6.60
N ASP A 29 -8.05 17.43 -7.42
CA ASP A 29 -8.50 17.04 -8.75
C ASP A 29 -8.73 15.54 -8.76
N LEU A 30 -9.92 15.13 -9.20
CA LEU A 30 -10.33 13.73 -9.14
C LEU A 30 -10.57 13.22 -10.55
N ILE A 31 -9.86 12.16 -10.92
CA ILE A 31 -10.03 11.51 -12.21
C ILE A 31 -10.45 10.06 -11.97
N GLU A 32 -11.28 9.54 -12.87
CA GLU A 32 -11.78 8.18 -12.78
C GLU A 32 -11.11 7.30 -13.83
N GLN A 33 -10.65 6.12 -13.40
CA GLN A 33 -10.00 5.16 -14.28
C GLN A 33 -10.63 3.79 -14.08
N SER A 34 -10.80 3.06 -15.18
CA SER A 34 -11.33 1.70 -15.13
C SER A 34 -10.19 0.71 -14.82
N TYR A 35 -9.59 0.91 -13.65
CA TYR A 35 -8.50 0.07 -13.22
C TYR A 35 -9.00 -1.32 -12.87
N PHE A 36 -8.24 -2.35 -13.28
CA PHE A 36 -8.70 -3.72 -13.08
C PHE A 36 -8.67 -4.12 -11.61
N GLY A 37 -7.80 -3.51 -10.81
CA GLY A 37 -7.65 -3.89 -9.42
C GLY A 37 -8.89 -3.59 -8.59
N GLU A 38 -8.87 -4.10 -7.35
CA GLU A 38 -9.96 -3.94 -6.42
C GLU A 38 -9.83 -2.72 -5.53
N CYS A 39 -8.78 -1.93 -5.69
CA CYS A 39 -8.57 -0.78 -4.84
C CYS A 39 -9.65 0.28 -5.09
N ASP A 40 -10.03 1.00 -4.04
CA ASP A 40 -11.03 2.05 -4.18
C ASP A 40 -10.44 3.32 -4.78
N PHE A 41 -9.23 3.69 -4.36
CA PHE A 41 -8.58 4.91 -4.83
C PHE A 41 -7.12 4.63 -5.12
N ILE A 42 -6.55 5.49 -5.97
CA ILE A 42 -5.12 5.51 -6.23
C ILE A 42 -4.61 6.88 -5.79
N ILE A 43 -3.64 6.88 -4.86
CA ILE A 43 -3.19 8.14 -4.25
C ILE A 43 -2.12 8.80 -5.10
N ASN A 44 -1.05 8.05 -5.41
CA ASN A 44 0.00 8.53 -6.30
C ASN A 44 0.37 7.39 -7.23
N HIS A 45 1.55 7.49 -7.85
CA HIS A 45 1.93 6.55 -8.90
C HIS A 45 2.08 5.11 -8.40
N SER A 46 2.33 4.91 -7.10
CA SER A 46 2.51 3.58 -6.55
C SER A 46 1.88 3.42 -5.18
N THR A 47 0.78 4.12 -4.92
CA THR A 47 0.05 4.02 -3.66
C THR A 47 -1.43 3.90 -3.95
N CYS A 48 -2.10 2.95 -3.29
CA CYS A 48 -3.52 2.73 -3.48
C CYS A 48 -4.18 2.51 -2.12
N VAL A 49 -5.50 2.71 -2.09
CA VAL A 49 -6.32 2.48 -0.91
C VAL A 49 -7.33 1.39 -1.23
N TYR A 50 -7.40 0.37 -0.38
CA TYR A 50 -8.33 -0.74 -0.56
C TYR A 50 -9.08 -0.93 0.75
N LYS A 51 -10.39 -0.68 0.73
CA LYS A 51 -11.22 -0.80 1.91
C LYS A 51 -11.85 -2.18 1.97
N ILE A 52 -11.70 -2.87 3.09
CA ILE A 52 -12.21 -4.22 3.26
C ILE A 52 -13.01 -4.30 4.56
N GLN A 53 -13.80 -5.37 4.69
CA GLN A 53 -14.69 -5.57 5.82
C GLN A 53 -14.12 -6.66 6.71
N ALA A 54 -14.03 -6.37 8.01
CA ALA A 54 -13.39 -7.30 8.95
C ALA A 54 -14.13 -8.62 9.01
N SER A 55 -15.46 -8.59 9.03
CA SER A 55 -16.25 -9.81 9.13
C SER A 55 -16.12 -10.70 7.91
N ARG A 56 -15.65 -10.16 6.78
CA ARG A 56 -15.46 -10.93 5.57
C ARG A 56 -14.07 -11.55 5.46
N PHE A 57 -13.14 -11.14 6.33
CA PHE A 57 -11.73 -11.54 6.17
C PHE A 57 -11.56 -13.05 6.23
N MET A 58 -12.35 -13.75 7.04
CA MET A 58 -12.24 -15.19 7.20
C MET A 58 -13.24 -15.95 6.35
N GLN A 59 -13.89 -15.29 5.40
CA GLN A 59 -14.84 -15.99 4.53
C GLN A 59 -14.07 -16.90 3.57
N LEU A 60 -14.42 -18.18 3.56
CA LEU A 60 -13.74 -19.16 2.73
C LEU A 60 -14.19 -19.06 1.28
N ARG A 61 -13.24 -18.92 0.37
CA ARG A 61 -13.55 -18.98 -1.04
C ARG A 61 -13.65 -20.44 -1.50
N ASN A 62 -14.15 -20.62 -2.72
CA ASN A 62 -14.32 -21.96 -3.25
C ASN A 62 -12.98 -22.68 -3.43
N ASN A 63 -11.92 -21.94 -3.77
CA ASN A 63 -10.62 -22.54 -4.00
C ASN A 63 -9.81 -22.73 -2.72
N GLY A 64 -10.40 -22.47 -1.54
CA GLY A 64 -9.72 -22.65 -0.28
C GLY A 64 -9.05 -21.43 0.28
N SER A 65 -8.84 -20.39 -0.52
CA SER A 65 -8.23 -19.17 -0.03
C SER A 65 -9.26 -18.33 0.73
N LEU A 66 -8.76 -17.36 1.48
CA LEU A 66 -9.66 -16.44 2.16
C LEU A 66 -10.17 -15.40 1.19
N HIS A 67 -11.13 -14.60 1.67
CA HIS A 67 -11.89 -13.72 0.79
C HIS A 67 -11.01 -12.69 0.08
N TYR A 68 -10.07 -12.08 0.81
CA TYR A 68 -9.29 -10.98 0.29
C TYR A 68 -7.88 -11.37 -0.15
N ASP A 69 -7.57 -12.67 -0.20
CA ASP A 69 -6.20 -13.10 -0.51
C ASP A 69 -5.78 -12.66 -1.91
N LYS A 70 -6.56 -13.04 -2.93
CA LYS A 70 -6.17 -12.75 -4.30
C LYS A 70 -6.14 -11.24 -4.56
N ALA A 71 -7.13 -10.50 -4.05
CA ALA A 71 -7.20 -9.07 -4.29
C ALA A 71 -6.01 -8.34 -3.69
N VAL A 72 -5.67 -8.65 -2.44
CA VAL A 72 -4.53 -8.01 -1.80
C VAL A 72 -3.24 -8.37 -2.52
N ASN A 73 -3.08 -9.64 -2.86
CA ASN A 73 -1.86 -10.09 -3.53
C ASN A 73 -1.71 -9.44 -4.91
N ASP A 74 -2.82 -9.22 -5.62
CA ASP A 74 -2.73 -8.56 -6.92
C ASP A 74 -2.38 -7.08 -6.76
N LEU A 75 -2.76 -6.46 -5.63
CA LEU A 75 -2.38 -5.07 -5.40
C LEU A 75 -0.90 -4.95 -5.11
N LEU A 76 -0.32 -5.90 -4.38
CA LEU A 76 1.10 -5.88 -4.10
C LEU A 76 1.93 -6.07 -5.37
N THR A 77 1.37 -6.76 -6.37
CA THR A 77 2.09 -6.95 -7.62
C THR A 77 2.24 -5.63 -8.38
N GLU A 78 1.31 -4.71 -8.21
CA GLU A 78 1.26 -3.50 -9.03
C GLU A 78 1.52 -2.21 -8.26
N PHE A 79 1.48 -2.23 -6.93
CA PHE A 79 1.71 -1.03 -6.13
C PHE A 79 2.82 -1.29 -5.12
N GLN A 80 3.68 -0.29 -4.95
CA GLN A 80 4.76 -0.36 -3.97
C GLN A 80 4.25 -0.10 -2.55
N ARG A 81 3.20 0.69 -2.41
CA ARG A 81 2.55 0.94 -1.12
C ARG A 81 1.07 0.61 -1.26
N VAL A 82 0.61 -0.35 -0.48
CA VAL A 82 -0.80 -0.74 -0.45
C VAL A 82 -1.36 -0.35 0.92
N ILE A 83 -2.36 0.52 0.92
CA ILE A 83 -3.03 0.93 2.15
C ILE A 83 -4.32 0.14 2.24
N ILE A 84 -4.44 -0.64 3.31
CA ILE A 84 -5.61 -1.48 3.56
C ILE A 84 -6.39 -0.85 4.71
N ILE A 85 -7.64 -0.51 4.46
CA ILE A 85 -8.52 0.07 5.48
C ILE A 85 -9.57 -0.97 5.81
N VAL A 86 -9.62 -1.36 7.08
CA VAL A 86 -10.49 -2.44 7.54
C VAL A 86 -11.66 -1.80 8.29
N GLU A 87 -12.85 -1.85 7.68
CA GLU A 87 -14.07 -1.47 8.38
C GLU A 87 -14.52 -2.63 9.26
N PHE A 88 -14.79 -2.32 10.53
CA PHE A 88 -15.26 -3.33 11.47
C PHE A 88 -16.50 -2.81 12.17
N SER A 89 -17.42 -3.72 12.47
CA SER A 89 -18.63 -3.36 13.21
C SER A 89 -18.41 -3.57 14.70
N GLU A 90 -19.24 -2.89 15.50
CA GLU A 90 -19.26 -3.17 16.92
C GLU A 90 -19.72 -4.59 17.20
N ILE A 91 -20.51 -5.17 16.30
CA ILE A 91 -20.98 -6.55 16.48
C ILE A 91 -19.83 -7.52 16.37
N ILE A 92 -19.02 -7.40 15.30
CA ILE A 92 -17.93 -8.33 15.11
C ILE A 92 -16.77 -8.04 16.06
N GLN A 93 -16.68 -6.81 16.59
CA GLN A 93 -15.65 -6.50 17.56
C GLN A 93 -15.92 -7.17 18.90
N ASP A 94 -17.16 -7.07 19.38
CA ASP A 94 -17.53 -7.69 20.64
C ASP A 94 -17.56 -9.22 20.54
N VAL A 95 -17.88 -9.74 19.36
CA VAL A 95 -18.01 -11.19 19.20
C VAL A 95 -16.64 -11.85 19.05
N ASP A 96 -15.73 -11.23 18.31
CA ASP A 96 -14.45 -11.84 17.99
C ASP A 96 -13.32 -10.83 18.17
N PRO A 97 -12.77 -10.72 19.38
CA PRO A 97 -11.63 -9.81 19.59
C PRO A 97 -10.33 -10.35 19.03
N ASP A 98 -10.22 -11.67 18.85
CA ASP A 98 -9.01 -12.26 18.28
C ASP A 98 -8.81 -11.87 16.82
N LEU A 99 -9.88 -11.52 16.11
CA LEU A 99 -9.79 -11.24 14.68
C LEU A 99 -8.92 -10.03 14.40
N PHE A 100 -8.83 -9.09 15.35
CA PHE A 100 -8.17 -7.82 15.06
C PHE A 100 -6.66 -7.93 15.01
N TRP A 101 -6.07 -8.76 15.89
CA TRP A 101 -4.63 -8.97 15.78
C TRP A 101 -4.31 -10.01 14.70
N LYS A 102 -5.22 -10.96 14.46
CA LYS A 102 -5.00 -11.92 13.38
C LYS A 102 -4.89 -11.21 12.03
N ILE A 103 -5.73 -10.20 11.80
CA ILE A 103 -5.69 -9.48 10.54
C ILE A 103 -4.39 -8.71 10.39
N LYS A 104 -3.96 -8.02 11.45
CA LYS A 104 -2.72 -7.26 11.39
C LYS A 104 -1.50 -8.14 11.19
N LEU A 105 -1.54 -9.40 11.67
CA LEU A 105 -0.45 -10.31 11.39
C LEU A 105 -0.62 -10.97 10.03
N TYR A 106 -1.85 -11.29 9.65
CA TYR A 106 -2.12 -11.87 8.33
C TYR A 106 -1.64 -10.96 7.22
N LEU A 107 -1.96 -9.68 7.30
CA LEU A 107 -1.59 -8.69 6.31
C LEU A 107 -0.21 -8.08 6.57
N LEU A 108 0.52 -8.58 7.55
CA LEU A 108 1.78 -7.96 7.93
C LEU A 108 2.78 -8.03 6.79
N ASN A 109 3.28 -6.88 6.37
CA ASN A 109 4.12 -6.74 5.19
C ASN A 109 4.70 -5.34 5.18
N SER A 110 5.96 -5.22 4.77
CA SER A 110 6.61 -3.91 4.74
C SER A 110 6.01 -2.99 3.69
N ARG A 111 5.11 -3.48 2.84
CA ARG A 111 4.45 -2.68 1.81
C ARG A 111 2.97 -2.49 2.06
N VAL A 112 2.48 -2.87 3.24
CA VAL A 112 1.05 -2.86 3.53
C VAL A 112 0.82 -2.04 4.80
N ASP A 113 0.02 -0.99 4.69
CA ASP A 113 -0.44 -0.22 5.84
C ASP A 113 -1.86 -0.63 6.17
N VAL A 114 -2.10 -0.98 7.43
CA VAL A 114 -3.39 -1.50 7.87
C VAL A 114 -3.92 -0.57 8.96
N PHE A 115 -5.12 -0.02 8.73
CA PHE A 115 -5.78 0.84 9.71
C PHE A 115 -7.22 0.39 9.88
N PHE A 116 -7.65 0.22 11.12
CA PHE A 116 -9.03 -0.13 11.41
C PHE A 116 -9.87 1.13 11.57
N ILE A 117 -11.08 1.11 11.00
CA ILE A 117 -12.02 2.22 11.10
C ILE A 117 -13.40 1.67 11.40
N HIS A 118 -14.22 2.52 12.01
CA HIS A 118 -15.63 2.19 12.17
C HIS A 118 -16.35 2.23 10.82
N GLU A 119 -17.56 1.69 10.81
CA GLU A 119 -18.27 1.50 9.54
C GLU A 119 -18.79 2.80 8.94
N THR A 120 -18.83 3.89 9.72
CA THR A 120 -19.36 5.15 9.20
C THR A 120 -18.45 5.72 8.12
N THR A 121 -19.05 6.47 7.19
CA THR A 121 -18.31 6.97 6.04
C THR A 121 -17.35 8.09 6.43
N ASP A 122 -17.67 8.84 7.49
CA ASP A 122 -16.81 9.97 7.89
C ASP A 122 -15.42 9.51 8.25
N PHE A 123 -15.27 8.31 8.81
CA PHE A 123 -13.94 7.80 9.14
C PHE A 123 -13.10 7.59 7.89
N PHE A 124 -13.70 7.00 6.84
CA PHE A 124 -12.96 6.79 5.61
C PHE A 124 -12.61 8.11 4.92
N ILE A 125 -13.50 9.10 5.02
CA ILE A 125 -13.24 10.41 4.42
C ILE A 125 -12.05 11.06 5.10
N ASP A 126 -12.00 11.02 6.44
CA ASP A 126 -10.92 11.68 7.17
C ASP A 126 -9.59 10.98 6.95
N TRP A 127 -9.60 9.65 6.78
CA TRP A 127 -8.36 8.96 6.44
C TRP A 127 -7.91 9.31 5.03
N MET A 128 -8.86 9.51 4.11
CA MET A 128 -8.50 9.90 2.75
C MET A 128 -7.87 11.29 2.72
N LYS A 129 -8.46 12.25 3.44
CA LYS A 129 -7.88 13.58 3.52
C LYS A 129 -6.46 13.53 4.07
N TYR A 130 -6.20 12.62 5.01
CA TYR A 130 -4.86 12.47 5.54
C TYR A 130 -3.92 11.85 4.52
N PHE A 131 -4.40 10.85 3.77
CA PHE A 131 -3.59 10.23 2.74
C PHE A 131 -3.28 11.21 1.61
N ILE A 132 -4.26 12.04 1.24
CA ILE A 132 -4.06 13.00 0.16
C ILE A 132 -3.03 14.05 0.58
N ALA A 133 -3.11 14.53 1.82
CA ALA A 133 -2.18 15.55 2.28
C ALA A 133 -0.75 15.02 2.35
N ARG A 134 -0.58 13.73 2.63
CA ARG A 134 0.77 13.20 2.86
C ARG A 134 1.39 12.64 1.59
N TRP A 135 0.64 11.87 0.80
CA TRP A 135 1.22 11.12 -0.30
C TRP A 135 0.92 11.68 -1.67
N ALA A 136 -0.21 12.36 -1.87
CA ALA A 136 -0.64 12.73 -3.21
C ALA A 136 0.32 13.74 -3.83
N PHE A 137 0.50 13.63 -5.14
CA PHE A 137 1.38 14.50 -5.90
C PHE A 137 0.60 15.66 -6.51
N SER A 138 1.35 16.65 -6.98
CA SER A 138 0.78 17.80 -7.70
C SER A 138 1.20 17.72 -9.16
N TYR A 139 0.31 18.13 -10.05
CA TYR A 139 0.60 18.10 -11.49
C TYR A 139 0.24 19.43 -12.14
N ALA A 148 1.89 12.91 -27.07
CA ALA A 148 1.73 12.04 -25.91
C ALA A 148 1.02 10.74 -26.28
N ASN A 149 1.64 9.63 -25.92
CA ASN A 149 1.11 8.31 -26.21
C ASN A 149 0.80 7.60 -24.88
N ALA A 150 -0.15 8.17 -24.13
CA ALA A 150 -0.53 7.59 -22.85
C ALA A 150 -1.18 6.23 -22.99
N ASP A 151 -1.75 5.93 -24.16
CA ASP A 151 -2.46 4.68 -24.34
C ASP A 151 -1.54 3.46 -24.41
N ILE A 152 -0.26 3.64 -24.77
CA ILE A 152 0.66 2.52 -24.80
C ILE A 152 0.93 2.02 -23.38
N LEU A 153 1.12 2.94 -22.44
CA LEU A 153 1.41 2.55 -21.07
C LEU A 153 0.15 2.16 -20.31
N LEU A 154 -0.98 2.77 -20.62
CA LEU A 154 -2.24 2.36 -20.00
C LEU A 154 -2.61 0.94 -20.39
N ASP A 155 -2.35 0.55 -21.64
CA ASP A 155 -2.61 -0.81 -22.07
C ASP A 155 -1.64 -1.81 -21.44
N LEU A 156 -0.51 -1.34 -20.93
CA LEU A 156 0.40 -2.17 -20.15
C LEU A 156 -0.08 -2.40 -18.72
N GLY A 157 -1.27 -1.91 -18.37
CA GLY A 157 -1.79 -2.04 -17.03
C GLY A 157 -1.35 -0.98 -16.06
N PHE A 158 -0.52 -0.03 -16.51
CA PHE A 158 -0.09 1.06 -15.63
C PHE A 158 -1.30 1.91 -15.25
N ASN A 159 -1.28 2.45 -14.03
CA ASN A 159 -2.37 3.31 -13.60
C ASN A 159 -2.19 4.72 -14.15
N ILE A 160 -3.31 5.45 -14.21
CA ILE A 160 -3.30 6.78 -14.81
C ILE A 160 -2.35 7.70 -14.07
N LEU A 161 -2.29 7.60 -12.74
CA LEU A 161 -1.36 8.43 -11.98
C LEU A 161 0.10 8.08 -12.31
N LEU A 162 0.37 6.81 -12.59
CA LEU A 162 1.74 6.43 -12.95
C LEU A 162 2.12 6.98 -14.33
N VAL A 163 1.22 6.87 -15.30
CA VAL A 163 1.51 7.40 -16.64
C VAL A 163 1.61 8.92 -16.60
N ARG A 164 0.94 9.58 -15.65
CA ARG A 164 1.11 11.02 -15.51
C ARG A 164 2.51 11.37 -15.02
N LYS A 165 2.99 10.65 -14.00
CA LYS A 165 4.32 10.92 -13.46
C LYS A 165 5.41 10.61 -14.47
N ILE A 166 5.21 9.57 -15.29
CA ILE A 166 6.21 9.23 -16.30
C ILE A 166 6.38 10.37 -17.29
N PHE A 167 5.27 10.81 -17.89
CA PHE A 167 5.33 11.86 -18.90
C PHE A 167 5.57 13.24 -18.30
N GLN A 168 5.62 13.36 -16.96
CA GLN A 168 6.13 14.58 -16.36
C GLN A 168 7.62 14.75 -16.62
N THR A 169 8.34 13.64 -16.74
CA THR A 169 9.80 13.66 -16.89
C THR A 169 10.27 13.19 -18.26
N TYR A 170 9.60 12.22 -18.86
CA TYR A 170 10.05 11.62 -20.10
C TYR A 170 8.99 11.75 -21.19
N SER A 171 9.45 11.71 -22.43
CA SER A 171 8.59 11.30 -23.52
C SER A 171 8.55 9.77 -23.54
N LEU A 172 7.73 9.21 -24.43
CA LEU A 172 7.64 7.76 -24.46
C LEU A 172 8.94 7.13 -24.97
N GLU A 173 9.63 7.79 -25.89
CA GLU A 173 10.93 7.28 -26.33
C GLU A 173 11.97 7.39 -25.23
N GLU A 174 12.04 8.56 -24.58
CA GLU A 174 13.03 8.77 -23.52
C GLU A 174 12.80 7.81 -22.36
N PHE A 175 11.54 7.50 -22.04
CA PHE A 175 11.24 6.56 -20.97
C PHE A 175 11.73 5.17 -21.32
N PHE A 176 11.57 4.76 -22.57
CA PHE A 176 12.10 3.46 -22.99
C PHE A 176 13.61 3.45 -22.95
N MET A 177 14.26 4.52 -23.43
CA MET A 177 15.71 4.62 -23.34
C MET A 177 16.19 4.49 -21.90
N ALA A 178 15.53 5.20 -20.98
CA ALA A 178 15.91 5.13 -19.57
C ALA A 178 15.70 3.73 -19.02
N ILE A 179 14.60 3.07 -19.41
CA ILE A 179 14.34 1.71 -18.96
C ILE A 179 15.33 0.74 -19.60
N ILE A 180 15.63 0.92 -20.89
CA ILE A 180 16.60 0.08 -21.57
C ILE A 180 17.95 0.17 -20.86
N LYS A 181 18.43 1.39 -20.64
CA LYS A 181 19.70 1.61 -19.96
C LYS A 181 19.60 1.44 -18.44
N GLU A 182 18.43 1.03 -17.94
CA GLU A 182 18.25 0.71 -16.53
C GLU A 182 18.61 1.89 -15.63
N GLU A 183 18.09 3.06 -15.96
CA GLU A 183 18.27 4.24 -15.11
C GLU A 183 17.35 4.11 -13.90
N SER A 184 17.92 4.21 -12.70
CA SER A 184 17.17 3.94 -11.49
C SER A 184 16.00 4.90 -11.31
N LYS A 185 16.14 6.14 -11.78
CA LYS A 185 15.04 7.10 -11.62
C LYS A 185 13.80 6.64 -12.37
N ALA A 186 13.97 6.08 -13.56
CA ALA A 186 12.85 5.46 -14.27
C ALA A 186 12.52 4.09 -13.69
N VAL A 187 13.53 3.35 -13.24
CA VAL A 187 13.29 1.99 -12.73
C VAL A 187 12.53 2.04 -11.41
N LYS A 188 12.95 2.92 -10.50
CA LYS A 188 12.31 2.99 -9.18
C LYS A 188 10.90 3.57 -9.22
N MET A 189 10.32 3.83 -10.38
CA MET A 189 8.91 4.19 -10.47
C MET A 189 8.01 2.96 -10.65
N LEU A 190 8.57 1.83 -11.05
CA LEU A 190 7.81 0.63 -11.36
C LEU A 190 8.06 -0.45 -10.32
N THR A 191 7.11 -1.38 -10.22
CA THR A 191 7.30 -2.58 -9.43
C THR A 191 8.11 -3.59 -10.23
N VAL A 192 8.31 -4.78 -9.66
CA VAL A 192 9.03 -5.83 -10.36
C VAL A 192 8.25 -6.28 -11.58
N SER A 193 6.96 -6.57 -11.41
CA SER A 193 6.14 -7.05 -12.52
C SER A 193 6.01 -5.99 -13.60
N GLN A 194 5.86 -4.71 -13.21
CA GLN A 194 5.77 -3.64 -14.19
C GLN A 194 7.08 -3.49 -14.98
N MET A 195 8.22 -3.72 -14.31
CA MET A 195 9.50 -3.65 -15.01
C MET A 195 9.65 -4.80 -16.00
N THR A 196 9.37 -6.03 -15.56
CA THR A 196 9.50 -7.17 -16.46
C THR A 196 8.48 -7.12 -17.58
N ARG A 197 7.31 -6.51 -17.34
CA ARG A 197 6.34 -6.31 -18.42
C ARG A 197 6.88 -5.36 -19.48
N LEU A 198 7.51 -4.26 -19.04
CA LEU A 198 8.07 -3.31 -19.99
C LEU A 198 9.27 -3.91 -20.73
N LYS A 199 10.00 -4.82 -20.08
CA LYS A 199 11.11 -5.49 -20.76
C LYS A 199 10.61 -6.49 -21.79
N LYS A 200 9.57 -7.26 -21.44
CA LYS A 200 8.97 -8.18 -22.40
C LYS A 200 8.50 -7.44 -23.64
N LEU A 201 7.91 -6.26 -23.47
CA LEU A 201 7.49 -5.45 -24.60
C LEU A 201 8.69 -5.04 -25.45
N LEU A 202 9.79 -4.67 -24.81
CA LEU A 202 10.99 -4.19 -25.51
C LEU A 202 11.87 -5.30 -26.04
N THR A 203 11.59 -6.57 -25.71
CA THR A 203 12.44 -7.68 -26.11
C THR A 203 11.78 -8.66 -27.06
N LEU A 204 10.46 -8.59 -27.25
CA LEU A 204 9.80 -9.46 -28.20
C LEU A 204 10.24 -9.10 -29.62
N GLU A 205 10.64 -10.11 -30.39
CA GLU A 205 11.14 -9.90 -31.74
C GLU A 205 10.04 -10.09 -32.76
N TRP A 206 10.16 -9.35 -33.86
CA TRP A 206 9.21 -9.42 -34.95
C TRP A 206 9.78 -10.18 -36.13
N GLU B 2 7.52 12.52 33.05
CA GLU B 2 6.19 11.98 33.24
C GLU B 2 5.92 10.85 32.25
N PHE B 3 5.96 9.61 32.74
CA PHE B 3 5.86 8.43 31.90
C PHE B 3 4.83 7.50 32.52
N PHE B 4 3.70 7.32 31.83
CA PHE B 4 2.56 6.56 32.37
C PHE B 4 2.46 5.16 31.78
N TRP B 5 3.39 4.75 30.92
CA TRP B 5 3.38 3.41 30.36
C TRP B 5 4.21 2.47 31.21
N ASP B 6 3.73 1.24 31.37
CA ASP B 6 4.47 0.17 32.04
C ASP B 6 4.90 -0.83 30.98
N VAL B 7 6.15 -0.75 30.56
CA VAL B 7 6.68 -1.64 29.53
C VAL B 7 7.07 -2.96 30.18
N GLN B 8 6.45 -4.04 29.74
CA GLN B 8 6.73 -5.36 30.29
C GLN B 8 7.62 -6.15 29.34
N LYS B 9 7.43 -7.47 29.30
CA LYS B 9 8.29 -8.31 28.49
C LYS B 9 8.10 -8.01 27.01
N ILE B 10 9.21 -8.05 26.26
CA ILE B 10 9.17 -7.93 24.81
C ILE B 10 9.69 -9.23 24.22
N GLN B 11 9.02 -9.73 23.19
CA GLN B 11 9.43 -10.98 22.56
C GLN B 11 9.32 -10.85 21.05
N GLU B 12 10.26 -11.51 20.36
CA GLU B 12 10.28 -11.55 18.91
C GLU B 12 9.41 -12.71 18.44
N ILE B 13 8.39 -12.42 17.65
CA ILE B 13 7.52 -13.43 17.07
C ILE B 13 8.07 -13.77 15.69
N SER B 14 8.61 -14.99 15.55
CA SER B 14 9.28 -15.40 14.32
C SER B 14 8.29 -15.93 13.29
N ASN B 15 8.75 -15.99 12.05
CA ASN B 15 8.05 -16.61 10.93
C ASN B 15 6.76 -15.88 10.55
N VAL B 16 6.62 -14.61 10.94
CA VAL B 16 5.45 -13.85 10.52
C VAL B 16 5.57 -13.44 9.06
N GLU B 17 6.67 -12.78 8.70
CA GLU B 17 6.95 -12.39 7.33
C GLU B 17 8.46 -12.51 7.11
N GLU B 18 8.85 -13.09 5.97
CA GLU B 18 10.25 -13.46 5.76
C GLU B 18 11.18 -12.27 5.80
N HIS B 19 10.72 -11.11 5.34
CA HIS B 19 11.59 -9.94 5.17
C HIS B 19 11.33 -8.87 6.23
N SER B 20 11.07 -9.30 7.46
CA SER B 20 10.81 -8.36 8.55
C SER B 20 10.95 -9.09 9.89
N VAL B 21 11.43 -8.36 10.88
CA VAL B 21 11.55 -8.85 12.25
C VAL B 21 10.41 -8.23 13.06
N VAL B 22 9.57 -9.08 13.64
CA VAL B 22 8.39 -8.62 14.39
C VAL B 22 8.68 -8.78 15.87
N LYS B 23 8.67 -7.67 16.60
CA LYS B 23 8.88 -7.66 18.03
C LYS B 23 7.60 -7.20 18.72
N CYS B 24 7.14 -7.98 19.69
CA CYS B 24 5.90 -7.72 20.41
C CYS B 24 6.24 -7.19 21.80
N VAL B 25 5.71 -6.01 22.12
CA VAL B 25 6.01 -5.33 23.38
C VAL B 25 4.71 -5.29 24.20
N THR B 26 4.67 -6.10 25.26
CA THR B 26 3.55 -6.08 26.18
C THR B 26 3.63 -4.83 27.06
N VAL B 27 2.60 -3.99 27.00
CA VAL B 27 2.56 -2.72 27.71
C VAL B 27 1.33 -2.68 28.60
N ASN B 28 1.52 -2.27 29.85
CA ASN B 28 0.42 -2.11 30.80
C ASN B 28 -0.09 -0.68 30.75
N THR B 29 -1.40 -0.52 30.53
CA THR B 29 -2.02 0.78 30.34
C THR B 29 -2.88 1.20 31.52
N SER B 30 -2.85 0.45 32.63
CA SER B 30 -3.72 0.76 33.76
C SER B 30 -3.42 2.13 34.35
N ARG B 31 -2.14 2.51 34.39
CA ARG B 31 -1.77 3.82 34.93
C ARG B 31 -2.27 4.94 34.03
N LEU B 32 -2.14 4.78 32.70
CA LEU B 32 -2.55 5.82 31.79
C LEU B 32 -4.07 5.91 31.70
N ILE B 33 -4.76 4.77 31.70
CA ILE B 33 -6.21 4.76 31.68
C ILE B 33 -6.77 5.46 32.91
N SER B 34 -6.18 5.20 34.08
CA SER B 34 -6.65 5.83 35.30
C SER B 34 -6.49 7.35 35.22
N GLN B 35 -5.34 7.82 34.73
CA GLN B 35 -5.10 9.25 34.63
C GLN B 35 -6.08 9.91 33.67
N LEU B 36 -6.50 9.20 32.62
CA LEU B 36 -7.48 9.76 31.69
C LEU B 36 -8.82 9.99 32.38
N ASN B 37 -9.24 9.07 33.25
CA ASN B 37 -10.55 9.19 33.89
C ASN B 37 -10.55 10.27 34.96
N GLU B 38 -9.43 10.45 35.67
CA GLU B 38 -9.41 11.37 36.82
C GLU B 38 -8.74 12.70 36.53
N GLU B 39 -7.63 12.72 35.79
CA GLU B 39 -6.86 13.96 35.67
C GLU B 39 -7.40 14.85 34.56
N LEU B 40 -7.83 14.26 33.45
CA LEU B 40 -8.25 14.99 32.26
C LEU B 40 -9.70 14.61 31.96
N GLN B 41 -10.62 15.27 32.65
CA GLN B 41 -12.05 14.98 32.45
C GLN B 41 -12.52 15.45 31.08
N ASP B 42 -12.02 16.60 30.62
CA ASP B 42 -12.40 17.11 29.32
C ASP B 42 -11.70 16.35 28.20
N GLU B 43 -12.37 16.27 27.05
CA GLU B 43 -11.87 15.44 25.96
C GLU B 43 -10.62 16.04 25.32
N GLU B 44 -10.60 17.36 25.12
CA GLU B 44 -9.51 18.01 24.38
C GLU B 44 -8.16 17.75 25.03
N SER B 45 -8.08 17.91 26.36
CA SER B 45 -6.83 17.67 27.05
C SER B 45 -6.43 16.21 27.02
N GLY B 46 -7.42 15.30 26.98
CA GLY B 46 -7.11 13.88 27.00
C GLY B 46 -6.46 13.40 25.71
N VAL B 47 -6.87 13.97 24.57
CA VAL B 47 -6.33 13.54 23.28
C VAL B 47 -4.85 13.89 23.20
N ASN B 48 -4.48 15.11 23.60
CA ASN B 48 -3.08 15.49 23.59
C ASN B 48 -2.28 14.70 24.63
N PHE B 49 -2.93 14.31 25.73
CA PHE B 49 -2.25 13.49 26.73
C PHE B 49 -1.82 12.15 26.14
N ILE B 50 -2.73 11.46 25.46
CA ILE B 50 -2.40 10.17 24.89
C ILE B 50 -1.37 10.31 23.78
N VAL B 51 -1.53 11.31 22.92
CA VAL B 51 -0.61 11.49 21.79
C VAL B 51 0.80 11.78 22.29
N THR B 52 0.93 12.66 23.29
CA THR B 52 2.24 12.93 23.85
C THR B 52 2.81 11.72 24.58
N GLN B 53 1.94 10.91 25.20
CA GLN B 53 2.41 9.68 25.84
C GLN B 53 2.81 8.63 24.82
N LEU B 54 2.06 8.54 23.71
CA LEU B 54 2.41 7.60 22.65
C LEU B 54 3.79 7.90 22.08
N GLN B 55 4.14 9.18 21.97
CA GLN B 55 5.48 9.54 21.52
C GLN B 55 6.53 9.14 22.54
N LEU B 56 6.20 9.19 23.83
CA LEU B 56 7.13 8.71 24.85
C LEU B 56 7.30 7.20 24.75
N LEU B 57 6.20 6.47 24.59
CA LEU B 57 6.26 5.02 24.53
C LEU B 57 7.02 4.54 23.29
N ILE B 58 6.77 5.17 22.15
CA ILE B 58 7.40 4.76 20.90
C ILE B 58 8.91 4.96 20.97
N ASN B 59 9.35 6.10 21.50
CA ASN B 59 10.78 6.36 21.59
C ASN B 59 11.46 5.44 22.59
N ASN B 60 10.81 5.18 23.72
CA ASN B 60 11.41 4.32 24.75
C ASN B 60 11.43 2.86 24.32
N VAL B 61 10.41 2.41 23.59
CA VAL B 61 10.37 1.02 23.14
C VAL B 61 11.39 0.78 22.03
N TYR B 62 11.44 1.69 21.04
CA TYR B 62 12.45 1.59 19.99
C TYR B 62 13.85 1.68 20.57
N GLU B 63 14.04 2.43 21.66
CA GLU B 63 15.36 2.56 22.27
C GLU B 63 15.82 1.23 22.87
N LYS B 64 14.91 0.49 23.50
CA LYS B 64 15.26 -0.81 24.06
C LYS B 64 15.64 -1.82 22.99
N ILE B 65 15.19 -1.63 21.76
CA ILE B 65 15.48 -2.58 20.68
C ILE B 65 16.76 -2.24 19.93
N GLN B 66 17.22 -0.98 19.99
CA GLN B 66 18.48 -0.62 19.33
C GLN B 66 19.64 -1.43 19.89
N LYS B 67 19.89 -1.32 21.20
CA LYS B 67 20.97 -2.05 21.84
C LYS B 67 20.69 -3.55 21.97
N SER B 68 19.53 -4.02 21.50
CA SER B 68 19.18 -5.43 21.59
C SER B 68 19.95 -6.25 20.57
N ARG B 75 16.63 -6.43 7.23
CA ARG B 75 15.18 -6.59 7.14
C ARG B 75 14.46 -5.30 7.54
N SER B 76 13.24 -5.44 8.05
CA SER B 76 12.43 -4.32 8.49
C SER B 76 11.89 -4.61 9.88
N LEU B 77 11.88 -3.58 10.73
CA LEU B 77 11.47 -3.73 12.12
C LEU B 77 10.00 -3.38 12.28
N MET B 78 9.20 -4.36 12.64
CA MET B 78 7.79 -4.18 12.97
C MET B 78 7.61 -4.34 14.46
N ILE B 79 7.15 -3.27 15.13
CA ILE B 79 7.02 -3.24 16.58
C ILE B 79 5.54 -3.25 16.94
N ASN B 80 5.11 -4.31 17.61
CA ASN B 80 3.72 -4.46 18.05
C ASN B 80 3.61 -3.94 19.48
N LEU B 81 2.90 -2.83 19.65
CA LEU B 81 2.59 -2.29 20.97
C LEU B 81 1.32 -3.00 21.45
N ASN B 82 1.50 -4.01 22.30
CA ASN B 82 0.42 -4.90 22.73
C ASN B 82 -0.09 -4.42 24.08
N PHE B 83 -1.16 -3.63 24.07
CA PHE B 83 -1.69 -3.01 25.28
C PHE B 83 -2.51 -4.00 26.09
N THR B 84 -2.36 -3.95 27.41
CA THR B 84 -3.13 -4.83 28.29
C THR B 84 -4.62 -4.53 28.19
N ARG B 85 -5.00 -3.25 28.16
CA ARG B 85 -6.39 -2.86 28.01
C ARG B 85 -6.51 -1.73 27.00
N LEU B 86 -7.49 -1.86 26.10
CA LEU B 86 -7.86 -0.80 25.17
C LEU B 86 -9.24 -0.30 25.57
N LYS B 87 -9.26 0.71 26.45
CA LYS B 87 -10.55 1.28 26.88
C LYS B 87 -11.29 1.88 25.69
N PHE B 88 -10.59 2.65 24.88
CA PHE B 88 -11.18 3.19 23.66
C PHE B 88 -11.11 2.14 22.54
N SER B 89 -11.91 2.35 21.52
CA SER B 89 -11.90 1.46 20.36
C SER B 89 -10.55 1.51 19.67
N ILE B 90 -10.18 0.38 19.04
CA ILE B 90 -8.91 0.31 18.32
C ILE B 90 -8.89 1.27 17.14
N ALA B 91 -10.06 1.67 16.64
CA ALA B 91 -10.11 2.63 15.54
C ALA B 91 -9.53 3.97 15.97
N TYR B 92 -9.78 4.37 17.22
CA TYR B 92 -9.18 5.60 17.74
C TYR B 92 -7.69 5.44 18.00
N TRP B 93 -7.26 4.24 18.39
CA TRP B 93 -5.84 4.01 18.63
C TRP B 93 -5.04 4.08 17.34
N ASP B 94 -5.60 3.56 16.24
CA ASP B 94 -4.90 3.65 14.97
C ASP B 94 -4.78 5.09 14.50
N ILE B 95 -5.73 5.95 14.90
CA ILE B 95 -5.64 7.37 14.56
C ILE B 95 -4.58 8.05 15.42
N LEU B 96 -4.61 7.81 16.74
CA LEU B 96 -3.67 8.46 17.63
C LEU B 96 -2.24 7.99 17.38
N LEU B 97 -2.06 6.75 16.89
CA LEU B 97 -0.73 6.27 16.59
C LEU B 97 -0.15 6.98 15.37
N GLU B 98 -0.98 7.23 14.35
CA GLU B 98 -0.50 7.97 13.19
C GLU B 98 -0.21 9.43 13.53
N ARG B 99 -1.06 10.04 14.35
CA ARG B 99 -0.81 11.40 14.82
C ARG B 99 0.50 11.48 15.59
N SER B 100 0.77 10.48 16.44
CA SER B 100 2.00 10.48 17.20
C SER B 100 3.21 10.33 16.30
N LEU B 101 3.14 9.43 15.32
CA LEU B 101 4.25 9.21 14.41
C LEU B 101 4.49 10.42 13.52
N ASP B 102 3.42 11.12 13.12
CA ASP B 102 3.59 12.33 12.33
C ASP B 102 4.35 13.39 13.11
N LEU B 103 4.08 13.51 14.41
CA LEU B 103 4.75 14.53 15.23
C LEU B 103 6.19 14.15 15.52
N ILE B 104 6.52 12.86 15.50
CA ILE B 104 7.84 12.40 15.92
C ILE B 104 8.84 12.66 14.80
N ASN B 105 9.94 13.33 15.16
CA ASN B 105 11.11 13.46 14.31
C ASN B 105 12.26 12.75 14.99
N GLY B 106 12.91 11.84 14.27
CA GLY B 106 14.00 11.07 14.83
C GLY B 106 14.06 9.66 14.30
N PRO B 107 14.93 8.83 14.91
CA PRO B 107 15.13 7.48 14.38
C PRO B 107 13.95 6.55 14.58
N SER B 108 13.17 6.73 15.66
CA SER B 108 12.13 5.76 15.98
C SER B 108 11.03 5.75 14.92
N LYS B 109 10.63 6.91 14.43
CA LYS B 109 9.60 6.98 13.39
C LYS B 109 10.11 6.35 12.09
N THR B 110 11.33 6.70 11.69
CA THR B 110 11.86 6.22 10.42
C THR B 110 12.38 4.79 10.50
N GLY B 111 12.89 4.38 11.68
CA GLY B 111 13.59 3.11 11.78
C GLY B 111 12.69 1.90 11.87
N ALA B 112 11.45 2.08 12.31
CA ALA B 112 10.56 0.96 12.58
C ALA B 112 9.13 1.32 12.23
N ARG B 113 8.30 0.29 12.10
CA ARG B 113 6.88 0.43 11.89
C ARG B 113 6.14 -0.12 13.11
N TYR B 114 5.07 0.57 13.52
CA TYR B 114 4.38 0.26 14.76
C TYR B 114 2.91 -0.03 14.47
N PHE B 115 2.35 -0.99 15.20
CA PHE B 115 0.91 -1.24 15.15
C PHE B 115 0.45 -1.68 16.54
N ILE B 116 -0.77 -1.27 16.89
CA ILE B 116 -1.30 -1.45 18.24
C ILE B 116 -2.29 -2.60 18.24
N THR B 117 -2.17 -3.48 19.23
CA THR B 117 -3.10 -4.58 19.43
C THR B 117 -3.39 -4.71 20.92
N GLU B 118 -4.46 -5.43 21.23
CA GLU B 118 -4.85 -5.70 22.61
C GLU B 118 -4.40 -7.10 23.02
N VAL B 119 -3.97 -7.23 24.27
CA VAL B 119 -3.52 -8.52 24.77
C VAL B 119 -4.69 -9.48 24.88
N THR B 120 -4.54 -10.68 24.35
CA THR B 120 -5.51 -11.75 24.44
C THR B 120 -4.80 -13.00 24.96
N PRO B 121 -5.54 -13.95 25.53
CA PRO B 121 -4.90 -15.19 26.01
C PRO B 121 -4.43 -16.11 24.89
N VAL B 122 -4.76 -15.81 23.63
CA VAL B 122 -4.39 -16.68 22.52
C VAL B 122 -2.91 -16.49 22.19
N ASP B 123 -2.19 -17.59 22.06
CA ASP B 123 -0.77 -17.56 21.70
C ASP B 123 -0.64 -17.18 20.22
N ARG B 124 -0.08 -16.01 19.96
CA ARG B 124 0.07 -15.54 18.58
C ARG B 124 1.25 -16.21 17.86
N SER B 125 2.24 -16.70 18.61
CA SER B 125 3.34 -17.41 17.97
C SER B 125 2.89 -18.76 17.42
N ARG B 126 1.87 -19.37 18.04
CA ARG B 126 1.34 -20.63 17.53
C ARG B 126 0.54 -20.42 16.26
N TYR B 127 -0.33 -19.41 16.25
CA TYR B 127 -1.17 -19.16 15.09
C TYR B 127 -0.34 -18.92 13.84
N VAL B 128 0.78 -18.21 13.98
CA VAL B 128 1.65 -17.93 12.85
C VAL B 128 2.24 -19.23 12.29
N GLU B 129 2.58 -20.17 13.17
CA GLU B 129 3.26 -21.39 12.74
C GLU B 129 2.30 -22.54 12.41
N ASN B 130 1.05 -22.46 12.84
CA ASN B 130 0.11 -23.58 12.73
C ASN B 130 -1.05 -23.34 11.79
N ASN B 131 -1.60 -22.12 11.75
CA ASN B 131 -2.84 -21.89 11.04
C ASN B 131 -2.68 -22.13 9.54
N GLN B 132 -3.64 -22.84 8.96
CA GLN B 132 -3.56 -23.21 7.55
C GLN B 132 -3.65 -22.00 6.64
N TYR B 133 -4.61 -21.11 6.91
CA TYR B 133 -4.83 -19.98 6.02
C TYR B 133 -3.73 -18.93 6.14
N PHE B 134 -3.16 -18.76 7.34
CA PHE B 134 -2.04 -17.85 7.49
C PHE B 134 -0.83 -18.35 6.72
N LEU B 135 -0.53 -19.65 6.83
CA LEU B 135 0.60 -20.22 6.11
C LEU B 135 0.39 -20.15 4.60
N ALA B 136 -0.82 -20.44 4.14
CA ALA B 136 -1.07 -20.49 2.70
C ALA B 136 -0.98 -19.11 2.07
N PHE B 137 -1.39 -18.07 2.80
CA PHE B 137 -1.32 -16.72 2.24
C PHE B 137 0.10 -16.20 2.21
N LYS B 138 0.88 -16.46 3.27
CA LYS B 138 2.28 -16.07 3.27
C LYS B 138 3.03 -16.73 2.12
N ALA B 139 2.67 -17.97 1.78
CA ALA B 139 3.26 -18.59 0.61
C ALA B 139 2.72 -17.98 -0.68
N ASN B 140 1.45 -17.55 -0.67
CA ASN B 140 0.88 -16.91 -1.86
C ASN B 140 1.60 -15.61 -2.18
N GLN B 141 1.69 -14.70 -1.21
CA GLN B 141 2.30 -13.41 -1.46
C GLN B 141 3.81 -13.49 -1.67
N ARG B 142 4.41 -14.65 -1.39
CA ARG B 142 5.83 -14.83 -1.68
C ARG B 142 6.07 -14.95 -3.18
N LEU B 143 5.07 -15.42 -3.92
CA LEU B 143 5.17 -15.58 -5.37
C LEU B 143 4.56 -14.42 -6.14
N THR B 144 3.96 -13.44 -5.46
CA THR B 144 3.24 -12.37 -6.14
C THR B 144 4.15 -11.26 -6.64
N ARG B 145 5.32 -11.09 -6.02
CA ARG B 145 6.21 -10.02 -6.42
C ARG B 145 6.65 -10.16 -7.88
N ASN B 146 6.83 -11.40 -8.34
CA ASN B 146 7.24 -11.69 -9.70
C ASN B 146 6.09 -12.29 -10.52
N SER B 147 4.86 -11.88 -10.23
CA SER B 147 3.70 -12.44 -10.91
C SER B 147 3.63 -11.94 -12.35
N VAL B 148 3.24 -12.86 -13.25
CA VAL B 148 3.11 -12.57 -14.68
C VAL B 148 1.69 -12.90 -15.11
N ASP B 149 0.75 -12.79 -14.17
CA ASP B 149 -0.62 -13.23 -14.45
C ASP B 149 -1.34 -12.30 -15.41
N MET B 150 -0.99 -11.01 -15.41
CA MET B 150 -1.72 -10.05 -16.22
C MET B 150 -1.36 -10.11 -17.70
N ASP B 151 -0.26 -10.77 -18.05
CA ASP B 151 0.28 -10.63 -19.40
C ASP B 151 -0.59 -11.30 -20.46
N GLU B 152 -1.41 -12.29 -20.08
CA GLU B 152 -2.19 -13.00 -21.08
C GLU B 152 -3.28 -12.10 -21.67
N PHE B 153 -3.76 -11.11 -20.91
CA PHE B 153 -4.74 -10.17 -21.42
C PHE B 153 -4.10 -9.13 -22.34
N ILE B 154 -2.83 -8.81 -22.12
CA ILE B 154 -2.14 -7.79 -22.89
C ILE B 154 -1.75 -8.36 -24.25
N ASP B 155 -2.00 -7.59 -25.31
CA ASP B 155 -1.58 -7.94 -26.66
C ASP B 155 -0.34 -7.11 -26.98
N PHE B 156 0.83 -7.71 -26.76
CA PHE B 156 2.08 -6.99 -26.98
C PHE B 156 2.32 -6.70 -28.45
N GLU B 157 1.91 -7.61 -29.34
CA GLU B 157 2.15 -7.41 -30.77
C GLU B 157 1.48 -6.14 -31.28
N ILE B 158 0.28 -5.85 -30.80
CA ILE B 158 -0.41 -4.64 -31.22
C ILE B 158 0.29 -3.40 -30.68
N LEU B 159 0.74 -3.45 -29.41
CA LEU B 159 1.47 -2.31 -28.85
C LEU B 159 2.78 -2.08 -29.58
N ILE B 160 3.54 -3.15 -29.85
CA ILE B 160 4.80 -3.01 -30.55
C ILE B 160 4.59 -2.41 -31.94
N LYS B 161 3.52 -2.82 -32.62
CA LYS B 161 3.25 -2.30 -33.96
C LYS B 161 2.94 -0.81 -33.91
N GLN B 162 2.29 -0.34 -32.84
CA GLN B 162 2.00 1.08 -32.70
C GLN B 162 3.27 1.87 -32.42
N ILE B 163 4.14 1.34 -31.56
CA ILE B 163 5.39 2.02 -31.22
C ILE B 163 6.28 2.12 -32.45
N ILE B 164 6.27 1.09 -33.30
CA ILE B 164 7.07 1.12 -34.52
C ILE B 164 6.58 2.23 -35.45
N PHE B 165 5.27 2.31 -35.67
CA PHE B 165 4.73 3.28 -36.60
C PHE B 165 4.92 4.71 -36.09
N ASP B 166 4.70 4.94 -34.80
CA ASP B 166 4.97 6.26 -34.24
C ASP B 166 6.44 6.63 -34.40
N LEU B 167 7.35 5.69 -34.13
CA LEU B 167 8.78 5.97 -34.26
C LEU B 167 9.14 6.31 -35.71
N PHE B 168 8.59 5.56 -36.67
CA PHE B 168 8.85 5.86 -38.07
C PHE B 168 8.25 7.19 -38.46
N LYS B 169 7.08 7.52 -37.88
CA LYS B 169 6.42 8.78 -38.20
C LYS B 169 7.20 9.97 -37.65
N LYS B 170 7.79 9.83 -36.46
CA LYS B 170 8.51 10.94 -35.85
C LYS B 170 9.85 11.18 -36.53
N ASN B 171 10.50 10.13 -37.02
CA ASN B 171 11.78 10.25 -37.71
C ASN B 171 11.63 10.48 -39.21
N GLY B 172 10.39 10.56 -39.71
CA GLY B 172 10.15 10.82 -41.12
C GLY B 172 10.54 9.70 -42.06
N ILE B 173 10.48 8.46 -41.61
CA ILE B 173 10.95 7.33 -42.42
C ILE B 173 9.86 6.97 -43.44
N PRO B 174 10.21 6.82 -44.72
CA PRO B 174 9.22 6.42 -45.71
C PRO B 174 8.97 4.92 -45.68
N ASP B 175 7.89 4.52 -46.34
CA ASP B 175 7.46 3.12 -46.31
C ASP B 175 8.50 2.20 -46.95
N GLN B 176 9.31 2.72 -47.88
CA GLN B 176 10.29 1.88 -48.55
C GLN B 176 11.39 1.41 -47.59
N ASP B 177 11.70 2.22 -46.59
CA ASP B 177 12.77 1.90 -45.64
C ASP B 177 12.31 0.96 -44.53
N PHE B 178 11.05 0.52 -44.52
CA PHE B 178 10.54 -0.30 -43.43
C PHE B 178 11.21 -1.67 -43.41
N GLU B 179 11.32 -2.31 -44.58
CA GLU B 179 11.85 -3.67 -44.63
C GLU B 179 13.31 -3.73 -44.19
N ALA B 180 14.11 -2.76 -44.64
CA ALA B 180 15.54 -2.78 -44.30
C ALA B 180 15.77 -2.45 -42.84
N ILE B 181 15.05 -1.47 -42.30
CA ILE B 181 15.23 -1.08 -40.91
C ILE B 181 14.81 -2.20 -39.97
N LEU B 182 13.65 -2.80 -40.22
CA LEU B 182 13.15 -3.86 -39.35
C LEU B 182 13.97 -5.14 -39.47
N SER B 183 14.78 -5.27 -40.52
CA SER B 183 15.69 -6.40 -40.63
C SER B 183 17.02 -6.19 -39.93
N ARG B 184 17.40 -4.92 -39.69
CA ARG B 184 18.63 -4.62 -38.96
C ARG B 184 18.41 -4.67 -37.45
N PHE B 185 17.21 -4.34 -36.99
CA PHE B 185 16.88 -4.30 -35.57
C PHE B 185 15.69 -5.20 -35.31
N HIS B 186 15.85 -6.12 -34.37
CA HIS B 186 14.92 -7.23 -34.22
C HIS B 186 13.87 -7.01 -33.14
N ASN B 187 14.08 -6.07 -32.23
CA ASN B 187 13.09 -5.76 -31.20
C ASN B 187 13.15 -4.27 -30.91
N LEU B 188 12.17 -3.80 -30.13
CA LEU B 188 12.08 -2.38 -29.82
C LEU B 188 13.31 -1.89 -29.07
N GLU B 189 13.97 -2.77 -28.31
CA GLU B 189 15.18 -2.36 -27.60
C GLU B 189 16.25 -1.87 -28.55
N SER B 190 16.50 -2.64 -29.62
CA SER B 190 17.49 -2.23 -30.61
C SER B 190 16.97 -1.07 -31.47
N LEU B 191 15.66 -1.07 -31.78
CA LEU B 191 15.12 -0.05 -32.66
C LEU B 191 15.13 1.32 -31.99
N VAL B 192 14.80 1.38 -30.70
CA VAL B 192 14.71 2.67 -30.01
C VAL B 192 16.10 3.27 -29.82
N VAL B 193 17.10 2.45 -29.47
CA VAL B 193 18.43 2.99 -29.27
C VAL B 193 19.06 3.39 -30.60
N ALA B 194 18.61 2.79 -31.71
CA ALA B 194 19.16 3.15 -33.01
C ALA B 194 18.75 4.56 -33.41
N PHE B 195 17.51 4.94 -33.10
CA PHE B 195 17.01 6.28 -33.39
C PHE B 195 17.15 7.23 -32.20
N ASN B 196 18.06 6.92 -31.27
CA ASN B 196 18.32 7.79 -30.13
C ASN B 196 19.80 7.75 -29.76
#